data_2X3O
#
_entry.id   2X3O
#
_cell.length_a   146.440
_cell.length_b   51.740
_cell.length_c   68.800
_cell.angle_alpha   90.00
_cell.angle_beta   102.19
_cell.angle_gamma   90.00
#
_symmetry.space_group_name_H-M   'C 1 2 1'
#
loop_
_entity.id
_entity.type
_entity.pdbx_description
1 polymer 'HYPOTHETICAL PROTEIN PA0856'
2 non-polymer GLYCEROL
3 non-polymer 'CHLORIDE ION'
4 water water
#
_entity_poly.entity_id   1
_entity_poly.type   'polypeptide(L)'
_entity_poly.pdbx_seq_one_letter_code
;G(MSE)ADSASQAEQFLKLVHADKLTVPVYAQVQQ(MSE)LAQRFAQAKAPESKKAVLERYQAKANAELDRAIGWDKIKP
ELIKLYTTNFTESELKDLNAFYQSPLGKKVLEK(MSE)PRLTAESAQLTQAKLQGAVEPVNKL(MSE)AD(MSE)DKELG
VAAPAQKKK
;
_entity_poly.pdbx_strand_id   A,B
#
loop_
_chem_comp.id
_chem_comp.type
_chem_comp.name
_chem_comp.formula
CL non-polymer 'CHLORIDE ION' 'Cl -1'
GOL non-polymer GLYCEROL 'C3 H8 O3'
#
# COMPACT_ATOMS: atom_id res chain seq x y z
N ASP A 4 -21.43 -17.74 12.44
CA ASP A 4 -22.64 -17.19 11.77
C ASP A 4 -22.34 -16.01 10.87
N SER A 5 -21.96 -14.90 11.48
CA SER A 5 -21.31 -13.84 10.70
C SER A 5 -19.87 -14.30 10.41
N ALA A 6 -19.32 -15.12 11.31
CA ALA A 6 -18.00 -15.73 11.15
C ALA A 6 -17.96 -16.56 9.87
N SER A 7 -19.09 -17.08 9.43
CA SER A 7 -19.02 -17.77 8.14
C SER A 7 -19.12 -16.73 7.03
N GLN A 8 -19.53 -15.52 7.42
CA GLN A 8 -19.53 -14.36 6.52
C GLN A 8 -18.12 -13.82 6.39
N ALA A 9 -17.43 -13.72 7.52
CA ALA A 9 -16.05 -13.25 7.51
C ALA A 9 -15.13 -14.24 6.74
N GLU A 10 -15.44 -15.53 6.83
CA GLU A 10 -14.76 -16.50 6.03
C GLU A 10 -14.93 -16.08 4.59
N GLN A 11 -16.17 -16.17 4.09
CA GLN A 11 -16.55 -15.72 2.76
C GLN A 11 -15.72 -14.51 2.29
N PHE A 12 -15.75 -13.45 3.09
CA PHE A 12 -14.97 -12.27 2.78
C PHE A 12 -13.53 -12.62 2.44
N LEU A 13 -12.86 -13.34 3.33
CA LEU A 13 -11.44 -13.61 3.21
C LEU A 13 -11.10 -14.48 2.02
N LYS A 14 -11.97 -15.44 1.72
CA LYS A 14 -11.89 -16.20 0.50
C LYS A 14 -12.01 -15.24 -0.67
N LEU A 15 -13.13 -14.54 -0.76
CA LEU A 15 -13.44 -13.60 -1.83
C LEU A 15 -12.33 -12.61 -2.11
N VAL A 16 -11.67 -12.07 -1.09
CA VAL A 16 -10.62 -11.07 -1.39
C VAL A 16 -9.22 -11.70 -1.56
N HIS A 17 -9.18 -13.03 -1.45
CA HIS A 17 -7.99 -13.79 -1.65
C HIS A 17 -6.98 -13.41 -0.62
N ALA A 18 -7.40 -13.48 0.62
CA ALA A 18 -6.56 -13.07 1.70
C ALA A 18 -5.36 -14.02 1.85
N ASP A 19 -5.56 -15.26 1.45
CA ASP A 19 -4.53 -16.28 1.57
C ASP A 19 -3.35 -15.98 0.66
N LYS A 20 -3.57 -15.18 -0.37
CA LYS A 20 -2.47 -14.75 -1.24
C LYS A 20 -1.61 -13.70 -0.61
N LEU A 21 -1.93 -13.30 0.60
CA LEU A 21 -1.23 -12.14 1.14
C LEU A 21 0.27 -12.40 1.39
N THR A 22 0.56 -13.66 1.72
CA THR A 22 1.91 -14.19 1.94
C THR A 22 2.70 -14.48 0.63
N VAL A 23 2.03 -14.64 -0.50
CA VAL A 23 2.78 -14.90 -1.74
C VAL A 23 4.15 -14.14 -1.90
N PRO A 24 4.19 -12.80 -1.70
CA PRO A 24 5.47 -12.08 -1.81
C PRO A 24 6.55 -12.54 -0.87
N VAL A 25 6.17 -13.10 0.26
CA VAL A 25 7.19 -13.46 1.23
C VAL A 25 7.73 -14.88 0.95
N TYR A 26 6.83 -15.80 0.67
CA TYR A 26 7.27 -17.08 0.20
C TYR A 26 8.24 -16.93 -0.96
N ALA A 27 7.95 -15.99 -1.85
CA ALA A 27 8.71 -15.90 -3.09
C ALA A 27 10.06 -15.27 -2.81
N GLN A 28 10.11 -14.44 -1.76
CA GLN A 28 11.33 -13.78 -1.36
C GLN A 28 12.31 -14.75 -0.65
N VAL A 29 11.74 -15.71 0.05
CA VAL A 29 12.49 -16.79 0.67
C VAL A 29 12.92 -17.83 -0.35
N GLN A 30 12.21 -17.92 -1.48
CA GLN A 30 12.68 -18.76 -2.58
C GLN A 30 13.93 -18.09 -3.12
N GLN A 31 13.80 -16.84 -3.58
CA GLN A 31 14.95 -16.08 -4.04
C GLN A 31 16.12 -16.16 -3.05
N MSE A 32 15.87 -15.89 -1.77
CA MSE A 32 16.95 -15.90 -0.76
C MSE A 32 17.86 -17.14 -0.81
O MSE A 32 19.03 -17.08 -0.39
CB MSE A 32 16.38 -15.79 0.64
CG MSE A 32 16.38 -14.40 1.23
SE MSE A 32 15.45 -14.49 2.97
CE MSE A 32 16.78 -15.49 4.01
N LEU A 33 17.29 -18.25 -1.28
CA LEU A 33 18.00 -19.50 -1.38
C LEU A 33 18.75 -19.55 -2.69
N ALA A 34 18.02 -19.34 -3.78
CA ALA A 34 18.64 -19.11 -5.09
C ALA A 34 19.85 -18.15 -4.97
N GLN A 35 19.77 -17.19 -4.06
CA GLN A 35 20.86 -16.27 -3.80
C GLN A 35 22.04 -17.05 -3.24
N ARG A 36 21.84 -17.68 -2.09
CA ARG A 36 22.89 -18.49 -1.47
C ARG A 36 23.39 -19.70 -2.28
N PHE A 37 22.71 -20.01 -3.38
CA PHE A 37 23.14 -21.04 -4.32
C PHE A 37 24.03 -20.40 -5.35
N ALA A 38 23.53 -19.33 -5.97
CA ALA A 38 24.29 -18.62 -7.00
C ALA A 38 25.53 -18.01 -6.37
N GLN A 39 25.44 -17.66 -5.09
CA GLN A 39 26.60 -17.22 -4.30
C GLN A 39 27.75 -18.22 -4.30
N ALA A 40 27.50 -19.46 -3.91
CA ALA A 40 28.56 -20.48 -3.95
C ALA A 40 28.72 -21.09 -5.35
N LYS A 41 29.54 -22.13 -5.44
CA LYS A 41 29.66 -22.92 -6.67
C LYS A 41 28.27 -23.20 -7.25
N ALA A 42 28.05 -22.88 -8.51
CA ALA A 42 26.72 -23.10 -9.10
C ALA A 42 26.52 -24.24 -10.15
N PRO A 43 26.98 -25.49 -9.86
CA PRO A 43 26.81 -26.49 -10.93
C PRO A 43 25.34 -26.89 -11.11
N GLU A 44 24.79 -26.62 -12.29
CA GLU A 44 23.36 -26.85 -12.56
C GLU A 44 22.94 -28.29 -12.34
N SER A 45 23.87 -29.21 -12.55
CA SER A 45 23.65 -30.62 -12.24
C SER A 45 23.21 -30.81 -10.77
N LYS A 46 23.33 -29.74 -9.99
CA LYS A 46 22.97 -29.72 -8.57
C LYS A 46 21.79 -28.74 -8.27
N LYS A 47 20.90 -28.63 -9.25
CA LYS A 47 19.71 -27.81 -9.16
C LYS A 47 18.81 -28.46 -8.14
N ALA A 48 18.91 -29.79 -8.11
CA ALA A 48 18.12 -30.64 -7.27
C ALA A 48 18.44 -30.39 -5.80
N VAL A 49 19.56 -29.73 -5.52
CA VAL A 49 19.84 -29.39 -4.15
C VAL A 49 19.14 -28.07 -3.82
N LEU A 50 19.13 -27.16 -4.79
CA LEU A 50 18.36 -25.92 -4.65
C LEU A 50 16.89 -26.22 -4.50
N GLU A 51 16.39 -27.17 -5.28
CA GLU A 51 15.00 -27.54 -5.23
C GLU A 51 14.63 -28.18 -3.88
N ARG A 52 15.51 -29.01 -3.32
CA ARG A 52 15.23 -29.64 -2.02
C ARG A 52 15.12 -28.63 -0.87
N TYR A 53 16.01 -27.64 -0.86
CA TYR A 53 16.00 -26.64 0.22
C TYR A 53 14.90 -25.58 0.01
N GLN A 54 14.41 -25.48 -1.23
CA GLN A 54 13.30 -24.62 -1.58
C GLN A 54 11.95 -25.28 -1.28
N ALA A 55 11.95 -26.59 -1.12
CA ALA A 55 10.74 -27.30 -0.69
C ALA A 55 10.60 -27.33 0.82
N LYS A 56 11.73 -27.42 1.53
CA LYS A 56 11.69 -27.58 2.98
C LYS A 56 11.35 -26.26 3.61
N ALA A 57 11.81 -25.16 2.99
CA ALA A 57 11.45 -23.81 3.44
C ALA A 57 9.91 -23.54 3.35
N ASN A 58 9.31 -23.83 2.22
CA ASN A 58 7.87 -23.87 2.10
C ASN A 58 7.17 -24.50 3.30
N ALA A 59 7.46 -25.78 3.58
CA ALA A 59 6.87 -26.49 4.73
C ALA A 59 7.14 -25.75 6.05
N GLU A 60 8.22 -24.95 6.03
CA GLU A 60 8.68 -24.30 7.22
C GLU A 60 7.78 -23.12 7.39
N LEU A 61 7.51 -22.45 6.26
CA LEU A 61 6.75 -21.21 6.22
C LEU A 61 5.29 -21.51 6.43
N ASP A 62 4.82 -22.60 5.83
CA ASP A 62 3.47 -23.07 6.02
C ASP A 62 3.27 -23.26 7.50
N ARG A 63 4.37 -23.52 8.19
CA ARG A 63 4.27 -23.83 9.61
C ARG A 63 4.10 -22.57 10.45
N ALA A 64 4.83 -21.53 10.07
CA ALA A 64 4.77 -20.28 10.83
C ALA A 64 3.56 -19.45 10.42
N ILE A 65 3.37 -19.29 9.10
CA ILE A 65 2.36 -18.39 8.54
C ILE A 65 1.53 -19.02 7.45
N GLY A 66 1.41 -20.33 7.47
CA GLY A 66 0.53 -20.96 6.53
C GLY A 66 -0.82 -20.30 6.69
N TRP A 67 -1.62 -20.39 5.64
CA TRP A 67 -2.96 -19.83 5.69
C TRP A 67 -3.81 -20.41 6.83
N ASP A 68 -3.61 -21.68 7.18
CA ASP A 68 -4.40 -22.26 8.27
C ASP A 68 -4.03 -21.64 9.59
N LYS A 69 -2.82 -21.10 9.67
CA LYS A 69 -2.34 -20.46 10.90
C LYS A 69 -2.91 -19.06 11.03
N ILE A 70 -3.15 -18.43 9.88
CA ILE A 70 -3.50 -17.02 9.84
C ILE A 70 -5.01 -16.76 9.88
N LYS A 71 -5.74 -17.65 9.22
CA LYS A 71 -7.14 -17.43 8.96
C LYS A 71 -7.90 -17.09 10.24
N PRO A 72 -7.84 -17.97 11.24
CA PRO A 72 -8.59 -17.72 12.46
C PRO A 72 -8.42 -16.30 13.03
N GLU A 73 -7.17 -15.85 13.10
CA GLU A 73 -6.88 -14.53 13.63
C GLU A 73 -7.49 -13.43 12.74
N LEU A 74 -7.58 -13.71 11.46
CA LEU A 74 -8.10 -12.75 10.52
C LEU A 74 -9.60 -12.63 10.70
N ILE A 75 -10.31 -13.73 10.65
CA ILE A 75 -11.73 -13.72 11.00
C ILE A 75 -12.10 -12.85 12.23
N LYS A 76 -11.55 -13.18 13.39
CA LYS A 76 -11.70 -12.31 14.54
C LYS A 76 -11.56 -10.82 14.19
N LEU A 77 -10.56 -10.44 13.40
CA LEU A 77 -10.38 -9.01 13.12
C LEU A 77 -11.58 -8.46 12.33
N TYR A 78 -12.12 -9.24 11.43
CA TYR A 78 -13.21 -8.75 10.67
C TYR A 78 -14.51 -8.76 11.47
N THR A 79 -14.70 -9.75 12.35
CA THR A 79 -15.97 -9.78 13.08
C THR A 79 -16.01 -8.66 14.11
N THR A 80 -14.83 -8.23 14.57
CA THR A 80 -14.74 -7.35 15.71
C THR A 80 -15.04 -5.97 15.20
N ASN A 81 -15.04 -5.87 13.88
CA ASN A 81 -14.96 -4.58 13.22
C ASN A 81 -16.10 -4.30 12.30
N PHE A 82 -16.76 -5.37 11.87
CA PHE A 82 -17.90 -5.31 10.99
C PHE A 82 -19.03 -6.12 11.60
N THR A 83 -20.25 -5.65 11.39
CA THR A 83 -21.43 -6.37 11.85
C THR A 83 -21.68 -7.45 10.81
N GLU A 84 -22.71 -8.25 11.00
CA GLU A 84 -22.87 -9.35 10.10
C GLU A 84 -23.51 -8.81 8.85
N SER A 85 -24.50 -7.96 9.00
CA SER A 85 -25.14 -7.40 7.83
C SER A 85 -24.03 -6.70 7.06
N GLU A 86 -23.15 -6.03 7.79
CA GLU A 86 -22.04 -5.30 7.19
C GLU A 86 -21.13 -6.21 6.32
N LEU A 87 -20.83 -7.41 6.80
CA LEU A 87 -20.05 -8.36 6.06
C LEU A 87 -20.82 -8.91 4.82
N LYS A 88 -22.13 -9.09 4.98
CA LYS A 88 -22.97 -9.57 3.93
C LYS A 88 -22.84 -8.68 2.74
N ASP A 89 -22.79 -7.37 2.94
CA ASP A 89 -22.71 -6.46 1.78
C ASP A 89 -21.34 -6.43 1.13
N LEU A 90 -20.29 -6.59 1.95
CA LEU A 90 -18.93 -6.68 1.46
C LEU A 90 -18.84 -7.94 0.59
N ASN A 91 -19.47 -9.01 1.05
CA ASN A 91 -19.52 -10.20 0.21
C ASN A 91 -20.33 -9.94 -1.04
N ALA A 92 -21.45 -9.25 -0.89
CA ALA A 92 -22.30 -9.05 -2.04
C ALA A 92 -21.53 -8.23 -3.11
N PHE A 93 -20.80 -7.21 -2.62
CA PHE A 93 -19.97 -6.41 -3.47
C PHE A 93 -18.87 -7.24 -4.10
N TYR A 94 -18.12 -7.94 -3.25
CA TYR A 94 -16.95 -8.61 -3.76
C TYR A 94 -17.27 -9.85 -4.52
N GLN A 95 -18.53 -10.29 -4.54
CA GLN A 95 -18.96 -11.40 -5.43
C GLN A 95 -19.23 -10.89 -6.82
N SER A 96 -19.48 -9.59 -6.93
CA SER A 96 -19.93 -8.95 -8.14
C SER A 96 -18.91 -9.19 -9.19
N PRO A 97 -19.33 -9.14 -10.46
CA PRO A 97 -18.30 -8.93 -11.44
C PRO A 97 -17.48 -7.72 -11.11
N LEU A 98 -18.08 -6.57 -10.87
CA LEU A 98 -17.33 -5.35 -10.49
C LEU A 98 -16.47 -5.57 -9.25
N GLY A 99 -16.93 -6.48 -8.39
CA GLY A 99 -16.18 -6.80 -7.19
C GLY A 99 -14.81 -7.25 -7.63
N LYS A 100 -14.79 -8.06 -8.65
CA LYS A 100 -13.57 -8.79 -8.97
C LYS A 100 -12.67 -7.88 -9.76
N LYS A 101 -13.24 -7.23 -10.79
CA LYS A 101 -12.49 -6.26 -11.57
C LYS A 101 -11.72 -5.40 -10.61
N VAL A 102 -12.42 -4.84 -9.63
CA VAL A 102 -11.83 -3.91 -8.72
C VAL A 102 -10.67 -4.57 -8.01
N LEU A 103 -10.97 -5.73 -7.48
CA LEU A 103 -10.04 -6.42 -6.62
C LEU A 103 -8.78 -6.73 -7.37
N GLU A 104 -8.86 -6.69 -8.69
CA GLU A 104 -7.75 -7.06 -9.55
C GLU A 104 -7.04 -5.83 -10.11
N LYS A 105 -7.76 -4.74 -10.31
CA LYS A 105 -7.16 -3.53 -10.87
C LYS A 105 -6.59 -2.63 -9.78
N MSE A 106 -7.37 -2.36 -8.74
CA MSE A 106 -7.01 -1.38 -7.74
C MSE A 106 -5.52 -1.21 -7.44
O MSE A 106 -5.02 -0.09 -7.52
CB MSE A 106 -7.80 -1.56 -6.45
CG MSE A 106 -9.14 -0.85 -6.43
SE MSE A 106 -9.36 0.77 -7.56
CE MSE A 106 -9.76 -0.12 -9.22
N PRO A 107 -4.81 -2.30 -7.10
CA PRO A 107 -3.36 -2.21 -6.97
C PRO A 107 -2.73 -1.47 -8.12
N ARG A 108 -2.73 -2.09 -9.31
CA ARG A 108 -2.02 -1.53 -10.46
C ARG A 108 -2.39 -0.10 -10.60
N LEU A 109 -3.65 0.18 -10.28
CA LEU A 109 -4.30 1.44 -10.57
C LEU A 109 -4.12 2.52 -9.50
N THR A 110 -3.58 2.18 -8.34
CA THR A 110 -3.19 3.19 -7.35
C THR A 110 -1.69 3.35 -7.44
N ALA A 111 -1.03 2.26 -7.83
CA ALA A 111 0.39 2.27 -8.21
C ALA A 111 0.58 2.99 -9.55
N GLU A 112 -0.45 3.03 -10.39
CA GLU A 112 -0.42 3.91 -11.55
C GLU A 112 -0.61 5.39 -11.19
N SER A 113 -1.35 5.71 -10.14
CA SER A 113 -1.46 7.13 -9.76
C SER A 113 -0.27 7.61 -8.91
N ALA A 114 0.18 6.74 -8.01
CA ALA A 114 1.36 6.99 -7.19
C ALA A 114 2.55 7.22 -8.10
N GLN A 115 2.95 6.18 -8.83
CA GLN A 115 3.94 6.31 -9.93
C GLN A 115 3.80 7.59 -10.79
N LEU A 116 2.60 8.16 -10.89
CA LEU A 116 2.40 9.36 -11.70
C LEU A 116 2.54 10.65 -10.88
N THR A 117 1.95 10.65 -9.69
CA THR A 117 2.12 11.79 -8.80
C THR A 117 3.55 11.98 -8.28
N GLN A 118 4.30 10.87 -8.19
CA GLN A 118 5.75 10.84 -7.95
C GLN A 118 6.55 11.48 -9.08
N ALA A 119 6.14 11.21 -10.32
CA ALA A 119 6.81 11.72 -11.51
C ALA A 119 6.56 13.23 -11.74
N LYS A 120 5.44 13.75 -11.25
CA LYS A 120 5.13 15.17 -11.37
C LYS A 120 5.87 15.96 -10.29
N LEU A 121 5.84 15.43 -9.07
CA LEU A 121 6.66 15.90 -7.96
C LEU A 121 8.07 16.32 -8.40
N GLN A 122 8.64 15.57 -9.35
CA GLN A 122 10.02 15.73 -9.82
C GLN A 122 10.36 17.12 -10.32
N GLY A 123 9.38 17.80 -10.91
CA GLY A 123 9.55 19.16 -11.41
C GLY A 123 9.51 20.20 -10.31
N ALA A 124 9.55 19.76 -9.05
CA ALA A 124 9.48 20.67 -7.93
C ALA A 124 10.62 20.51 -6.91
N VAL A 125 11.37 19.41 -7.01
CA VAL A 125 12.50 19.14 -6.09
C VAL A 125 13.69 20.11 -6.17
N GLU A 126 14.07 20.51 -7.39
CA GLU A 126 15.08 21.56 -7.59
C GLU A 126 14.57 22.93 -7.10
N PRO A 127 13.44 23.45 -7.64
CA PRO A 127 13.01 24.78 -7.20
C PRO A 127 12.84 24.87 -5.69
N VAL A 128 12.55 23.74 -5.06
CA VAL A 128 12.55 23.64 -3.60
C VAL A 128 13.96 23.76 -3.05
N ASN A 129 14.90 22.93 -3.52
CA ASN A 129 16.32 23.04 -3.15
C ASN A 129 16.85 24.48 -3.21
N LYS A 130 16.43 25.22 -4.25
CA LYS A 130 16.76 26.64 -4.44
C LYS A 130 16.19 27.53 -3.32
N LEU A 131 14.89 27.37 -3.02
CA LEU A 131 14.27 28.06 -1.88
C LEU A 131 14.94 27.67 -0.55
N MSE A 132 15.45 26.44 -0.46
CA MSE A 132 16.15 25.94 0.72
C MSE A 132 17.57 26.51 0.88
O MSE A 132 18.07 26.67 2.00
CB MSE A 132 16.22 24.41 0.75
CG MSE A 132 14.96 23.72 1.28
SE MSE A 132 15.27 22.23 2.55
CE MSE A 132 16.26 20.97 1.39
N ALA A 133 18.22 26.78 -0.25
CA ALA A 133 19.51 27.48 -0.26
C ALA A 133 19.35 29.00 -0.05
N ASP A 134 18.22 29.54 -0.51
CA ASP A 134 17.91 30.99 -0.42
C ASP A 134 17.59 31.44 1.01
N MSE A 135 17.01 30.53 1.80
CA MSE A 135 16.73 30.77 3.21
C MSE A 135 18.07 30.80 3.96
O MSE A 135 18.32 31.70 4.78
CB MSE A 135 15.78 29.69 3.77
CG MSE A 135 15.07 30.05 5.08
SE MSE A 135 14.05 28.65 6.04
CE MSE A 135 15.40 27.23 6.13
N ASP A 136 18.95 29.85 3.63
CA ASP A 136 20.29 29.75 4.21
C ASP A 136 21.10 31.06 4.11
N LYS A 137 20.98 31.75 2.98
CA LYS A 137 21.70 33.01 2.74
C LYS A 137 21.36 34.10 3.76
N GLU A 138 20.08 34.24 4.09
CA GLU A 138 19.62 35.20 5.09
C GLU A 138 19.98 34.74 6.51
N ASP B 4 -20.06 12.98 -18.55
CA ASP B 4 -21.05 12.29 -17.68
C ASP B 4 -20.53 10.96 -17.11
N SER B 5 -19.84 10.17 -17.92
CA SER B 5 -19.03 9.12 -17.32
C SER B 5 -18.03 9.91 -16.47
N ALA B 6 -17.63 11.08 -16.96
CA ALA B 6 -16.63 11.90 -16.29
C ALA B 6 -17.15 12.46 -14.94
N SER B 7 -18.43 12.78 -14.85
CA SER B 7 -18.91 13.28 -13.57
C SER B 7 -19.15 12.13 -12.59
N GLN B 8 -19.18 10.90 -13.13
CA GLN B 8 -19.19 9.74 -12.26
C GLN B 8 -17.79 9.52 -11.67
N ALA B 9 -16.76 9.52 -12.49
CA ALA B 9 -15.42 9.31 -11.97
C ALA B 9 -15.06 10.41 -10.95
N GLU B 10 -15.55 11.61 -11.23
CA GLU B 10 -15.27 12.79 -10.45
C GLU B 10 -15.79 12.53 -9.08
N GLN B 11 -17.11 12.43 -8.99
CA GLN B 11 -17.76 11.87 -7.82
C GLN B 11 -16.97 10.73 -7.14
N PHE B 12 -16.36 9.83 -7.89
CA PHE B 12 -15.67 8.70 -7.27
C PHE B 12 -14.47 9.15 -6.44
N LEU B 13 -13.72 10.09 -6.99
CA LEU B 13 -12.45 10.44 -6.47
C LEU B 13 -12.69 11.29 -5.26
N LYS B 14 -13.74 12.10 -5.35
CA LYS B 14 -14.19 12.90 -4.24
C LYS B 14 -14.50 11.94 -3.09
N LEU B 15 -15.42 11.00 -3.32
CA LEU B 15 -15.80 9.99 -2.33
C LEU B 15 -14.62 9.24 -1.74
N VAL B 16 -13.65 8.86 -2.56
CA VAL B 16 -12.48 8.18 -1.98
C VAL B 16 -11.36 9.12 -1.45
N HIS B 17 -11.64 10.43 -1.52
CA HIS B 17 -10.72 11.45 -1.04
C HIS B 17 -9.36 11.17 -1.63
N ALA B 18 -9.26 11.21 -2.94
CA ALA B 18 -7.97 10.92 -3.56
C ALA B 18 -7.24 12.24 -3.59
N ASP B 19 -7.98 13.32 -3.40
CA ASP B 19 -7.37 14.64 -3.31
C ASP B 19 -6.36 14.76 -2.16
N LYS B 20 -6.53 13.96 -1.12
CA LYS B 20 -5.72 14.12 0.06
C LYS B 20 -4.45 13.29 -0.03
N LEU B 21 -4.33 12.50 -1.09
CA LEU B 21 -3.17 11.62 -1.21
C LEU B 21 -1.87 12.38 -1.00
N THR B 22 -1.90 13.66 -1.36
CA THR B 22 -0.71 14.46 -1.37
C THR B 22 -0.39 15.05 -0.01
N VAL B 23 -1.36 15.06 0.91
CA VAL B 23 -1.15 15.66 2.24
C VAL B 23 0.24 15.37 2.85
N PRO B 24 0.66 14.09 2.94
CA PRO B 24 2.03 13.77 3.38
C PRO B 24 3.16 14.55 2.67
N VAL B 25 2.99 14.87 1.39
CA VAL B 25 4.05 15.49 0.59
C VAL B 25 4.15 17.01 0.80
N TYR B 26 3.04 17.65 1.17
CA TYR B 26 3.08 19.04 1.59
C TYR B 26 3.72 19.17 2.99
N ALA B 27 3.11 18.50 3.97
CA ALA B 27 3.61 18.49 5.35
C ALA B 27 5.10 18.13 5.40
N GLN B 28 5.48 17.15 4.58
CA GLN B 28 6.86 16.68 4.54
C GLN B 28 7.85 17.77 4.18
N VAL B 29 7.63 18.46 3.05
CA VAL B 29 8.51 19.58 2.67
C VAL B 29 8.49 20.68 3.74
N GLN B 30 7.29 21.04 4.21
CA GLN B 30 7.15 21.96 5.34
C GLN B 30 7.76 21.40 6.65
N GLN B 31 8.15 20.13 6.61
CA GLN B 31 8.79 19.43 7.72
C GLN B 31 10.34 19.44 7.63
N MSE B 32 10.89 19.62 6.42
CA MSE B 32 12.36 19.69 6.22
C MSE B 32 12.90 21.11 6.35
O MSE B 32 14.12 21.31 6.44
CB MSE B 32 12.76 19.14 4.86
CG MSE B 32 12.17 17.82 4.48
SE MSE B 32 12.15 17.79 2.55
CE MSE B 32 14.08 17.51 2.21
N LEU B 33 11.98 22.08 6.33
CA LEU B 33 12.29 23.50 6.44
C LEU B 33 12.45 23.92 7.90
N ALA B 34 11.42 23.64 8.70
CA ALA B 34 11.55 23.68 10.16
C ALA B 34 12.89 23.07 10.57
N GLN B 35 13.25 21.94 9.94
CA GLN B 35 14.53 21.22 10.11
C GLN B 35 15.75 21.97 9.55
N ARG B 36 15.55 22.81 8.53
CA ARG B 36 16.65 23.59 7.97
C ARG B 36 16.71 24.97 8.58
N PHE B 37 15.57 25.42 9.11
CA PHE B 37 15.52 26.66 9.86
C PHE B 37 16.11 26.44 11.24
N ALA B 38 16.33 25.18 11.58
CA ALA B 38 17.00 24.82 12.84
C ALA B 38 18.31 24.01 12.66
N GLN B 39 18.65 23.67 11.40
CA GLN B 39 20.00 23.17 11.07
C GLN B 39 21.01 24.31 11.29
N ALA B 40 20.48 25.54 11.27
CA ALA B 40 21.18 26.75 11.69
C ALA B 40 20.63 27.24 13.04
N LYS B 41 21.04 28.44 13.47
CA LYS B 41 20.57 29.04 14.72
C LYS B 41 19.05 29.23 14.75
N ALA B 42 18.40 28.69 15.78
CA ALA B 42 16.93 28.67 15.88
C ALA B 42 16.27 29.71 16.83
N PRO B 43 16.18 31.01 16.41
CA PRO B 43 15.51 32.08 17.19
C PRO B 43 13.96 32.03 17.19
N GLU B 44 13.32 33.02 17.84
CA GLU B 44 11.85 33.06 17.97
C GLU B 44 11.24 34.39 17.55
N SER B 45 12.02 35.26 16.93
CA SER B 45 11.51 36.45 16.24
C SER B 45 11.74 36.28 14.74
N LYS B 46 12.51 35.25 14.40
CA LYS B 46 12.78 34.89 13.02
C LYS B 46 11.85 33.77 12.53
N LYS B 47 10.84 33.46 13.33
CA LYS B 47 9.78 32.54 12.95
C LYS B 47 9.17 32.92 11.59
N ALA B 48 9.06 34.23 11.34
CA ALA B 48 8.45 34.79 10.14
C ALA B 48 9.12 34.36 8.82
N VAL B 49 10.44 34.18 8.85
CA VAL B 49 11.21 33.87 7.64
C VAL B 49 11.01 32.43 7.17
N LEU B 50 10.77 31.53 8.14
CA LEU B 50 10.41 30.14 7.86
C LEU B 50 9.02 30.10 7.19
N GLU B 51 8.10 30.92 7.70
CA GLU B 51 6.71 30.95 7.22
C GLU B 51 6.56 31.66 5.88
N ARG B 52 7.28 32.76 5.72
CA ARG B 52 7.34 33.51 4.47
C ARG B 52 7.99 32.70 3.34
N TYR B 53 8.77 31.68 3.70
CA TYR B 53 9.42 30.73 2.75
C TYR B 53 8.69 29.39 2.61
N GLN B 54 7.68 29.19 3.45
CA GLN B 54 6.84 27.99 3.37
C GLN B 54 5.62 28.23 2.47
N ALA B 55 5.25 29.51 2.29
CA ALA B 55 4.18 29.91 1.38
C ALA B 55 4.67 29.79 -0.07
N LYS B 56 5.98 29.86 -0.25
CA LYS B 56 6.64 29.67 -1.55
C LYS B 56 6.68 28.19 -2.00
N ALA B 57 7.19 27.30 -1.14
CA ALA B 57 7.20 25.87 -1.45
C ALA B 57 5.79 25.23 -1.48
N ASN B 58 4.76 25.94 -1.00
CA ASN B 58 3.36 25.48 -1.12
C ASN B 58 2.85 25.59 -2.56
N ALA B 59 2.90 26.81 -3.09
CA ALA B 59 2.46 27.09 -4.45
C ALA B 59 3.42 26.52 -5.51
N GLU B 60 4.61 26.11 -5.05
CA GLU B 60 5.57 25.35 -5.88
C GLU B 60 5.07 23.94 -6.23
N LEU B 61 4.55 23.25 -5.21
CA LEU B 61 3.88 21.95 -5.37
C LEU B 61 2.56 22.10 -6.13
N ASP B 62 1.78 23.14 -5.82
CA ASP B 62 0.51 23.43 -6.52
C ASP B 62 0.69 23.53 -8.03
N ARG B 63 1.91 23.92 -8.46
CA ARG B 63 2.31 23.97 -9.90
C ARG B 63 2.49 22.55 -10.48
N ALA B 64 3.04 21.63 -9.67
CA ALA B 64 3.40 20.28 -10.09
C ALA B 64 2.36 19.23 -9.66
N ILE B 65 1.98 19.29 -8.38
CA ILE B 65 1.07 18.32 -7.81
C ILE B 65 -0.13 18.96 -7.11
N GLY B 66 -0.61 20.10 -7.62
CA GLY B 66 -1.91 20.65 -7.21
C GLY B 66 -2.98 19.64 -7.61
N TRP B 67 -4.14 19.72 -6.96
CA TRP B 67 -5.27 18.83 -7.22
C TRP B 67 -5.67 18.91 -8.71
N ASP B 68 -6.04 20.12 -9.12
CA ASP B 68 -6.32 20.46 -10.53
C ASP B 68 -5.28 19.96 -11.53
N LYS B 69 -4.12 19.52 -11.06
CA LYS B 69 -3.00 19.07 -11.93
C LYS B 69 -2.96 17.55 -12.00
N ILE B 70 -3.62 16.90 -11.05
CA ILE B 70 -3.83 15.44 -11.10
C ILE B 70 -5.27 15.08 -11.58
N LYS B 71 -6.29 15.64 -10.91
CA LYS B 71 -7.71 15.38 -11.20
C LYS B 71 -7.99 15.16 -12.67
N PRO B 72 -7.65 16.14 -13.52
CA PRO B 72 -7.81 15.86 -14.94
C PRO B 72 -7.17 14.53 -15.29
N GLU B 73 -5.85 14.44 -15.23
CA GLU B 73 -5.20 13.25 -15.74
C GLU B 73 -5.65 11.96 -15.00
N LEU B 74 -6.50 12.15 -14.00
CA LEU B 74 -6.85 11.09 -13.06
C LEU B 74 -8.21 10.48 -13.36
N ILE B 75 -9.20 11.36 -13.45
CA ILE B 75 -10.53 11.03 -13.95
C ILE B 75 -10.45 10.24 -15.25
N LYS B 76 -9.48 10.62 -16.09
CA LYS B 76 -9.28 9.93 -17.35
C LYS B 76 -9.04 8.48 -17.07
N LEU B 77 -8.16 8.16 -16.13
CA LEU B 77 -7.79 6.78 -15.89
C LEU B 77 -8.97 5.95 -15.41
N TYR B 78 -9.84 6.55 -14.61
CA TYR B 78 -10.92 5.79 -14.03
C TYR B 78 -11.97 5.50 -15.05
N THR B 79 -12.24 6.51 -15.89
CA THR B 79 -13.20 6.34 -16.99
C THR B 79 -12.59 5.44 -18.03
N THR B 80 -11.27 5.48 -18.14
CA THR B 80 -10.60 4.56 -19.03
C THR B 80 -10.85 3.13 -18.63
N ASN B 81 -10.85 2.88 -17.33
CA ASN B 81 -10.75 1.50 -16.80
C ASN B 81 -12.08 1.04 -16.25
N PHE B 82 -13.05 1.93 -16.18
CA PHE B 82 -14.39 1.58 -15.73
C PHE B 82 -15.46 2.16 -16.67
N THR B 83 -16.57 1.45 -16.83
CA THR B 83 -17.71 2.03 -17.54
C THR B 83 -18.50 2.96 -16.60
N GLU B 84 -19.38 3.78 -17.14
CA GLU B 84 -20.23 4.59 -16.30
C GLU B 84 -20.92 3.74 -15.27
N SER B 85 -21.46 2.61 -15.67
CA SER B 85 -22.35 1.91 -14.77
C SER B 85 -21.54 1.48 -13.53
N GLU B 86 -20.29 1.07 -13.79
CA GLU B 86 -19.44 0.59 -12.73
C GLU B 86 -19.10 1.67 -11.70
N LEU B 87 -18.71 2.84 -12.19
CA LEU B 87 -18.59 3.98 -11.34
C LEU B 87 -19.92 4.33 -10.58
N LYS B 88 -21.06 4.25 -11.25
CA LYS B 88 -22.28 4.41 -10.51
C LYS B 88 -22.20 3.54 -9.27
N ASP B 89 -21.74 2.29 -9.42
CA ASP B 89 -21.82 1.37 -8.28
C ASP B 89 -20.72 1.55 -7.23
N LEU B 90 -19.52 1.93 -7.65
CA LEU B 90 -18.49 2.26 -6.65
C LEU B 90 -19.03 3.42 -5.89
N ASN B 91 -19.49 4.42 -6.62
CA ASN B 91 -20.13 5.54 -6.01
C ASN B 91 -21.27 5.11 -5.17
N ALA B 92 -22.08 4.14 -5.60
CA ALA B 92 -23.20 3.71 -4.72
C ALA B 92 -22.64 3.13 -3.42
N PHE B 93 -21.52 2.40 -3.55
CA PHE B 93 -20.88 1.75 -2.40
C PHE B 93 -20.25 2.74 -1.41
N TYR B 94 -19.29 3.49 -1.90
CA TYR B 94 -18.61 4.48 -1.06
C TYR B 94 -19.51 5.62 -0.62
N GLN B 95 -20.72 5.72 -1.16
CA GLN B 95 -21.69 6.64 -0.57
C GLN B 95 -22.32 6.06 0.65
N SER B 96 -22.39 4.73 0.73
CA SER B 96 -23.12 4.07 1.77
C SER B 96 -22.40 4.27 3.08
N PRO B 97 -23.10 4.13 4.21
CA PRO B 97 -22.32 4.22 5.45
C PRO B 97 -21.28 3.11 5.57
N LEU B 98 -21.51 1.97 4.94
CA LEU B 98 -20.51 0.92 4.97
C LEU B 98 -19.28 1.34 4.14
N GLY B 99 -19.50 2.21 3.16
CA GLY B 99 -18.45 2.60 2.24
C GLY B 99 -17.49 3.47 2.98
N LYS B 100 -18.05 4.31 3.83
CA LYS B 100 -17.30 5.37 4.46
C LYS B 100 -16.49 4.81 5.60
N LYS B 101 -17.06 3.80 6.27
CA LYS B 101 -16.42 3.07 7.34
C LYS B 101 -15.20 2.36 6.79
N VAL B 102 -15.43 1.55 5.76
CA VAL B 102 -14.40 0.74 5.13
C VAL B 102 -13.32 1.68 4.73
N LEU B 103 -13.70 2.69 3.98
CA LEU B 103 -12.78 3.70 3.57
C LEU B 103 -12.07 4.37 4.74
N GLU B 104 -12.27 3.90 5.96
CA GLU B 104 -11.63 4.52 7.09
C GLU B 104 -10.91 3.46 7.91
N LYS B 105 -11.33 2.21 7.82
CA LYS B 105 -10.71 1.20 8.65
C LYS B 105 -9.63 0.49 7.84
N MSE B 106 -9.84 0.34 6.55
CA MSE B 106 -8.96 -0.53 5.81
C MSE B 106 -7.47 -0.27 6.07
O MSE B 106 -6.71 -1.23 6.19
CB MSE B 106 -9.32 -0.48 4.33
CG MSE B 106 -10.60 -1.16 4.08
SE MSE B 106 -10.37 -3.00 4.69
CE MSE B 106 -12.10 -3.33 5.49
N PRO B 107 -7.03 1.00 6.13
CA PRO B 107 -5.61 1.08 6.43
C PRO B 107 -5.21 0.43 7.75
N ARG B 108 -5.74 0.90 8.88
CA ARG B 108 -5.45 0.25 10.15
C ARG B 108 -5.60 -1.24 9.97
N LEU B 109 -6.63 -1.67 9.25
CA LEU B 109 -6.97 -3.09 9.22
C LEU B 109 -6.00 -3.94 8.38
N THR B 110 -5.60 -3.45 7.23
CA THR B 110 -4.57 -4.11 6.46
C THR B 110 -3.25 -4.04 7.21
N ALA B 111 -3.01 -2.97 7.96
CA ALA B 111 -1.76 -2.84 8.71
C ALA B 111 -1.65 -3.75 9.91
N GLU B 112 -2.79 -4.07 10.51
CA GLU B 112 -2.85 -4.99 11.63
C GLU B 112 -2.59 -6.44 11.18
N SER B 113 -3.16 -6.86 10.06
CA SER B 113 -2.94 -8.25 9.58
C SER B 113 -1.48 -8.52 9.13
N ALA B 114 -0.85 -7.53 8.52
CA ALA B 114 0.57 -7.60 8.23
C ALA B 114 1.31 -7.72 9.56
N GLN B 115 1.11 -6.78 10.47
CA GLN B 115 1.67 -6.88 11.81
C GLN B 115 1.45 -8.21 12.51
N LEU B 116 0.35 -8.88 12.20
CA LEU B 116 0.07 -10.15 12.85
C LEU B 116 0.88 -11.29 12.18
N THR B 117 0.94 -11.28 10.85
CA THR B 117 1.66 -12.28 10.08
C THR B 117 3.17 -12.20 10.32
N GLN B 118 3.75 -11.01 10.09
CA GLN B 118 5.19 -10.75 10.29
C GLN B 118 5.63 -11.23 11.68
N ALA B 119 4.79 -11.00 12.68
CA ALA B 119 5.05 -11.54 14.00
C ALA B 119 5.22 -13.04 13.88
N LYS B 120 4.21 -13.72 13.36
CA LYS B 120 4.25 -15.19 13.16
C LYS B 120 5.38 -15.61 12.21
N LEU B 121 5.79 -14.70 11.34
CA LEU B 121 6.93 -14.97 10.48
C LEU B 121 8.17 -15.25 11.33
N GLN B 122 8.50 -14.34 12.24
CA GLN B 122 9.70 -14.45 13.07
C GLN B 122 9.98 -15.89 13.50
N GLY B 123 8.95 -16.56 14.03
CA GLY B 123 9.05 -17.98 14.42
C GLY B 123 9.52 -18.97 13.36
N ALA B 124 10.14 -18.47 12.28
CA ALA B 124 10.72 -19.31 11.23
C ALA B 124 12.00 -18.74 10.61
N VAL B 125 12.49 -17.59 11.09
CA VAL B 125 13.76 -17.03 10.57
C VAL B 125 14.98 -17.93 10.84
N GLU B 126 15.05 -18.48 12.04
CA GLU B 126 16.17 -19.33 12.38
C GLU B 126 15.98 -20.66 11.64
N PRO B 127 14.87 -21.38 11.90
CA PRO B 127 14.66 -22.63 11.15
C PRO B 127 15.04 -22.52 9.67
N VAL B 128 14.76 -21.37 9.05
CA VAL B 128 15.23 -21.11 7.68
C VAL B 128 16.74 -20.80 7.61
N ASN B 129 17.24 -19.99 8.53
CA ASN B 129 18.68 -19.80 8.62
C ASN B 129 19.38 -21.16 8.52
N LYS B 130 19.06 -22.06 9.47
CA LYS B 130 19.67 -23.38 9.51
C LYS B 130 19.64 -24.09 8.15
N LEU B 131 18.49 -24.06 7.49
CA LEU B 131 18.35 -24.61 6.12
C LEU B 131 19.42 -24.12 5.16
N MSE B 132 19.57 -22.79 5.09
CA MSE B 132 20.50 -22.13 4.15
C MSE B 132 21.93 -22.57 4.41
O MSE B 132 22.68 -22.94 3.48
CB MSE B 132 20.45 -20.59 4.32
CG MSE B 132 19.08 -19.93 4.16
SE MSE B 132 19.19 -18.33 3.01
CE MSE B 132 20.12 -17.08 4.23
N ALA B 133 22.31 -22.51 5.69
CA ALA B 133 23.57 -23.06 6.18
C ALA B 133 23.72 -24.51 5.72
N ASP B 134 22.83 -25.39 6.19
CA ASP B 134 22.81 -26.76 5.71
C ASP B 134 22.92 -26.90 4.18
N MSE B 135 22.68 -25.83 3.42
CA MSE B 135 22.81 -25.96 1.98
C MSE B 135 24.22 -25.63 1.55
O MSE B 135 24.65 -25.95 0.43
CB MSE B 135 21.78 -25.12 1.22
CG MSE B 135 21.92 -25.28 -0.28
SE MSE B 135 20.60 -24.40 -1.41
CE MSE B 135 21.09 -22.54 -1.07
N ASP B 136 24.97 -24.99 2.44
CA ASP B 136 26.36 -24.66 2.17
C ASP B 136 27.27 -25.86 2.46
N LYS B 137 27.13 -26.41 3.65
CA LYS B 137 27.65 -27.72 3.96
C LYS B 137 27.22 -28.76 2.88
N GLU B 138 27.09 -28.28 1.64
CA GLU B 138 26.83 -29.10 0.47
C GLU B 138 27.44 -28.45 -0.78
C1 GOL C . -1.09 -20.24 -2.20
O1 GOL C . -2.32 -20.10 -1.50
C2 GOL C . 0.05 -19.54 -1.45
O2 GOL C . -0.39 -18.79 -0.31
C3 GOL C . 1.14 -20.56 -1.07
O3 GOL C . 2.41 -19.94 -0.93
CL CL D . -10.45 3.13 12.63
#